data_1TVP
#
_entry.id   1TVP
#
_cell.length_a   135.500
_cell.length_b   78.900
_cell.length_c   44.000
_cell.angle_alpha   90.00
_cell.angle_beta   90.00
_cell.angle_gamma   90.00
#
_symmetry.space_group_name_H-M   'P 21 21 21'
#
loop_
_entity.id
_entity.type
_entity.pdbx_description
1 polymer cellulase
2 branched beta-D-glucopyranose-(1-4)-beta-D-glucopyranose
3 non-polymer '4-(2-HYDROXYETHYL)-1-PIPERAZINE ETHANESULFONIC ACID'
4 water water
#
_entity_poly.entity_id   1
_entity_poly.type   'polypeptide(L)'
_entity_poly.pdbx_seq_one_letter_code
;AVEKLTVSGNQILAGGENTSFAGPSLFWSNTGWGAEKFYTAETVAKAKTEFNATLIRAAIGHGTSTGGSLNFDWEGNMSR
LDTVVNAAIAEDMYVIIDFHSHEAHTDQATAVRFFEDVATKYGQYDNVIYEIYNEPLQISWVNDIKPYAETVIDKIRAID
PDNLIVVGTPTWSQDVDVASQNPIDRANIAYTLHFYAGTHGQSYRNKAQTALDNGIALFATEWGTVNADGNGGVNINETD
AWMAFFKTNNISHANWALNDKNEGASLFTPGGSWNSLTSSGSKVKEIIQGWGG
;
_entity_poly.pdbx_strand_id   A,B
#
# COMPACT_ATOMS: atom_id res chain seq x y z
N ALA A 1 10.30 -33.32 17.89
CA ALA A 1 10.71 -33.01 16.50
C ALA A 1 9.52 -33.06 15.56
N VAL A 2 9.64 -32.36 14.43
CA VAL A 2 8.59 -32.32 13.43
C VAL A 2 9.03 -33.20 12.25
N GLU A 3 8.08 -33.63 11.41
CA GLU A 3 8.40 -34.48 10.26
C GLU A 3 9.06 -33.68 9.14
N LYS A 4 9.87 -34.35 8.33
CA LYS A 4 10.57 -33.72 7.20
C LYS A 4 9.58 -33.44 6.09
N LEU A 5 9.64 -32.23 5.53
CA LEU A 5 8.75 -31.83 4.45
C LEU A 5 9.43 -32.03 3.10
N THR A 6 8.73 -32.71 2.19
CA THR A 6 9.25 -32.97 0.85
C THR A 6 8.10 -32.78 -0.13
N VAL A 7 8.43 -32.74 -1.43
CA VAL A 7 7.41 -32.57 -2.46
C VAL A 7 7.42 -33.76 -3.42
N SER A 8 6.22 -34.26 -3.71
CA SER A 8 6.04 -35.38 -4.62
C SER A 8 4.81 -35.01 -5.43
N GLY A 9 5.00 -34.75 -6.72
CA GLY A 9 3.86 -34.37 -7.54
C GLY A 9 3.44 -33.00 -7.04
N ASN A 10 2.13 -32.77 -6.92
CA ASN A 10 1.64 -31.48 -6.43
C ASN A 10 1.36 -31.54 -4.93
N GLN A 11 1.93 -32.53 -4.26
N GLN A 11 1.96 -32.51 -4.26
CA GLN A 11 1.73 -32.69 -2.82
CA GLN A 11 1.76 -32.67 -2.83
C GLN A 11 2.96 -32.46 -1.95
C GLN A 11 2.98 -32.43 -1.96
N ILE A 12 2.74 -31.86 -0.78
CA ILE A 12 3.81 -31.59 0.16
C ILE A 12 3.59 -32.73 1.15
N LEU A 13 4.62 -33.55 1.35
CA LEU A 13 4.52 -34.68 2.27
C LEU A 13 5.29 -34.40 3.56
N ALA A 14 4.77 -34.88 4.68
CA ALA A 14 5.42 -34.70 5.97
C ALA A 14 5.74 -36.13 6.40
N GLY A 15 7.03 -36.47 6.44
CA GLY A 15 7.39 -37.81 6.83
C GLY A 15 6.83 -38.81 5.83
N GLY A 16 6.67 -38.39 4.58
CA GLY A 16 6.15 -39.26 3.55
C GLY A 16 4.64 -39.38 3.45
N GLU A 17 3.90 -38.69 4.30
CA GLU A 17 2.44 -38.75 4.26
C GLU A 17 1.76 -37.44 3.92
N ASN A 18 0.58 -37.55 3.29
CA ASN A 18 -0.22 -36.40 2.89
C ASN A 18 -0.83 -35.72 4.10
N THR A 19 -0.56 -34.43 4.27
CA THR A 19 -1.10 -33.69 5.40
C THR A 19 -0.83 -32.20 5.21
N SER A 20 -1.36 -31.37 6.09
CA SER A 20 -1.16 -29.92 5.98
C SER A 20 -1.11 -29.32 7.36
N PHE A 21 -0.55 -28.12 7.44
CA PHE A 21 -0.41 -27.38 8.69
C PHE A 21 -0.94 -25.96 8.62
N ALA A 22 -1.38 -25.44 9.77
CA ALA A 22 -1.91 -24.09 9.81
C ALA A 22 -1.34 -23.29 10.98
N GLY A 23 -1.17 -21.99 10.76
CA GLY A 23 -0.63 -21.15 11.81
C GLY A 23 -0.75 -19.69 11.44
N PRO A 24 -0.31 -18.80 12.34
CA PRO A 24 -0.38 -17.38 12.06
C PRO A 24 0.90 -16.83 11.47
N SER A 25 0.77 -15.75 10.71
CA SER A 25 1.95 -15.12 10.14
C SER A 25 2.09 -13.84 10.92
N LEU A 26 3.32 -13.55 11.35
CA LEU A 26 3.56 -12.32 12.09
C LEU A 26 3.56 -11.23 11.01
N PHE A 27 3.34 -10.00 11.43
CA PHE A 27 3.32 -8.85 10.55
C PHE A 27 4.80 -8.48 10.30
N TRP A 28 5.02 -7.51 9.41
CA TRP A 28 6.36 -7.02 9.07
C TRP A 28 7.21 -6.89 10.34
N SER A 29 8.44 -7.40 10.31
CA SER A 29 9.32 -7.32 11.47
C SER A 29 10.00 -5.97 11.62
N ASN A 30 9.85 -5.12 10.60
CA ASN A 30 10.46 -3.80 10.55
C ASN A 30 10.50 -2.95 11.80
N THR A 31 11.67 -2.35 12.00
CA THR A 31 11.91 -1.47 13.14
C THR A 31 11.02 -0.25 12.92
N GLY A 32 10.23 0.10 13.95
CA GLY A 32 9.34 1.24 13.86
C GLY A 32 7.94 0.97 13.34
N TRP A 33 7.68 -0.25 12.87
CA TRP A 33 6.36 -0.59 12.35
C TRP A 33 5.35 -1.15 13.36
N GLY A 34 5.73 -1.14 14.63
CA GLY A 34 4.87 -1.62 15.70
C GLY A 34 4.63 -3.10 15.95
N ALA A 35 5.21 -3.97 15.14
CA ALA A 35 5.00 -5.40 15.34
C ALA A 35 6.23 -6.11 15.90
N GLU A 36 7.33 -5.37 16.10
CA GLU A 36 8.55 -5.97 16.65
C GLU A 36 8.25 -6.67 17.96
N LYS A 37 7.37 -6.06 18.75
CA LYS A 37 6.97 -6.57 20.06
C LYS A 37 6.38 -7.97 20.04
N PHE A 38 5.95 -8.41 18.86
CA PHE A 38 5.36 -9.73 18.73
C PHE A 38 6.35 -10.86 18.46
N TYR A 39 7.57 -10.50 18.08
CA TYR A 39 8.62 -11.47 17.78
C TYR A 39 9.28 -11.97 19.05
N THR A 40 8.52 -12.74 19.83
CA THR A 40 9.03 -13.27 21.10
C THR A 40 8.76 -14.75 21.26
N ALA A 41 9.50 -15.37 22.17
CA ALA A 41 9.36 -16.79 22.44
C ALA A 41 7.96 -17.05 23.03
N GLU A 42 7.46 -16.11 23.83
CA GLU A 42 6.15 -16.25 24.44
C GLU A 42 5.05 -16.26 23.37
N THR A 43 5.19 -15.43 22.34
CA THR A 43 4.20 -15.39 21.26
C THR A 43 4.15 -16.71 20.51
N VAL A 44 5.32 -17.32 20.28
CA VAL A 44 5.38 -18.60 19.58
C VAL A 44 4.71 -19.66 20.43
N ALA A 45 5.01 -19.67 21.73
CA ALA A 45 4.41 -20.63 22.66
C ALA A 45 2.90 -20.47 22.69
N LYS A 46 2.44 -19.22 22.75
CA LYS A 46 1.02 -18.93 22.78
C LYS A 46 0.29 -19.25 21.49
N ALA A 47 0.98 -19.16 20.36
CA ALA A 47 0.32 -19.49 19.09
C ALA A 47 -0.06 -20.97 19.17
N LYS A 48 0.79 -21.76 19.82
CA LYS A 48 0.56 -23.19 19.97
C LYS A 48 -0.53 -23.52 20.99
N THR A 49 -0.43 -22.98 22.21
CA THR A 49 -1.45 -23.28 23.22
C THR A 49 -2.82 -22.64 22.99
N GLU A 50 -2.82 -21.43 22.45
CA GLU A 50 -4.08 -20.72 22.19
C GLU A 50 -4.81 -21.10 20.91
N PHE A 51 -4.05 -21.27 19.82
CA PHE A 51 -4.63 -21.61 18.52
C PHE A 51 -4.37 -23.02 18.01
N ASN A 52 -3.47 -23.75 18.67
CA ASN A 52 -3.11 -25.12 18.27
C ASN A 52 -2.30 -24.99 16.97
N ALA A 53 -1.63 -23.86 16.80
CA ALA A 53 -0.82 -23.60 15.61
C ALA A 53 0.33 -24.60 15.54
N THR A 54 0.60 -25.09 14.33
CA THR A 54 1.68 -26.05 14.10
C THR A 54 2.84 -25.38 13.36
N LEU A 55 2.66 -24.11 13.00
CA LEU A 55 3.69 -23.33 12.32
C LEU A 55 3.48 -21.86 12.65
N ILE A 56 4.50 -21.08 12.32
CA ILE A 56 4.49 -19.64 12.53
C ILE A 56 5.41 -19.05 11.46
N ARG A 57 4.95 -17.99 10.83
CA ARG A 57 5.71 -17.32 9.79
C ARG A 57 6.32 -16.03 10.30
N ALA A 58 7.62 -15.91 10.08
CA ALA A 58 8.38 -14.73 10.49
C ALA A 58 8.55 -13.89 9.23
N ALA A 59 7.82 -12.78 9.15
CA ALA A 59 7.87 -11.89 7.99
C ALA A 59 8.97 -10.86 8.18
N ILE A 60 10.18 -11.24 7.76
CA ILE A 60 11.32 -10.35 7.89
C ILE A 60 11.37 -9.34 6.75
N GLY A 61 11.04 -8.10 7.11
CA GLY A 61 11.02 -7.03 6.14
C GLY A 61 12.24 -6.76 5.31
N HIS A 62 12.00 -6.57 4.02
CA HIS A 62 13.06 -6.28 3.07
C HIS A 62 12.63 -5.19 2.11
N GLY A 63 13.55 -4.31 1.76
CA GLY A 63 13.24 -3.22 0.85
C GLY A 63 14.29 -2.15 0.91
N THR A 64 14.89 -1.82 -0.22
CA THR A 64 15.94 -0.80 -0.30
C THR A 64 15.41 0.57 0.09
N SER A 65 14.10 0.76 -0.07
CA SER A 65 13.44 2.01 0.26
C SER A 65 12.25 1.74 1.18
N THR A 66 12.32 0.65 1.93
CA THR A 66 11.26 0.26 2.85
C THR A 66 11.83 0.50 4.24
N GLY A 67 11.32 1.53 4.89
CA GLY A 67 11.77 1.89 6.22
C GLY A 67 11.82 0.78 7.26
N GLY A 68 12.92 0.76 8.02
CA GLY A 68 13.11 -0.23 9.07
C GLY A 68 13.32 -1.67 8.63
N SER A 69 13.54 -1.89 7.34
CA SER A 69 13.74 -3.25 6.80
C SER A 69 15.15 -3.76 7.05
N LEU A 70 15.46 -4.94 6.51
CA LEU A 70 16.79 -5.52 6.69
C LEU A 70 17.86 -4.57 6.14
N ASN A 71 17.47 -3.77 5.15
CA ASN A 71 18.37 -2.80 4.51
C ASN A 71 18.77 -1.62 5.40
N PHE A 72 17.94 -1.33 6.40
CA PHE A 72 18.18 -0.24 7.33
C PHE A 72 18.60 -0.68 8.72
N ASP A 73 18.08 -1.84 9.14
CA ASP A 73 18.40 -2.37 10.46
C ASP A 73 18.58 -3.86 10.33
N TRP A 74 19.77 -4.27 9.92
CA TRP A 74 20.06 -5.70 9.77
C TRP A 74 19.97 -6.46 11.08
N GLU A 75 20.75 -6.04 12.07
CA GLU A 75 20.76 -6.69 13.37
C GLU A 75 19.42 -6.78 14.09
N GLY A 76 18.62 -5.71 14.04
CA GLY A 76 17.34 -5.72 14.70
C GLY A 76 16.37 -6.73 14.11
N ASN A 77 16.26 -6.73 12.78
CA ASN A 77 15.36 -7.67 12.12
C ASN A 77 15.86 -9.12 12.26
N MET A 78 17.17 -9.31 12.16
CA MET A 78 17.75 -10.66 12.28
C MET A 78 17.59 -11.22 13.69
N SER A 79 17.71 -10.34 14.69
CA SER A 79 17.57 -10.75 16.08
C SER A 79 16.14 -11.22 16.32
N ARG A 80 15.16 -10.49 15.78
CA ARG A 80 13.76 -10.87 15.94
C ARG A 80 13.49 -12.22 15.29
N LEU A 81 14.07 -12.44 14.12
CA LEU A 81 13.89 -13.70 13.41
C LEU A 81 14.46 -14.83 14.28
N ASP A 82 15.67 -14.59 14.80
CA ASP A 82 16.35 -15.55 15.65
C ASP A 82 15.53 -16.00 16.85
N THR A 83 14.88 -15.05 17.50
CA THR A 83 14.05 -15.33 18.67
C THR A 83 12.87 -16.24 18.29
N VAL A 84 12.22 -15.93 17.18
CA VAL A 84 11.08 -16.72 16.72
C VAL A 84 11.49 -18.12 16.24
N VAL A 85 12.59 -18.21 15.49
CA VAL A 85 13.05 -19.50 14.98
C VAL A 85 13.40 -20.47 16.13
N ASN A 86 14.19 -20.01 17.09
CA ASN A 86 14.58 -20.86 18.22
C ASN A 86 13.37 -21.32 19.02
N ALA A 87 12.41 -20.42 19.22
CA ALA A 87 11.22 -20.76 19.96
C ALA A 87 10.40 -21.80 19.17
N ALA A 88 10.35 -21.67 17.84
CA ALA A 88 9.60 -22.61 17.00
C ALA A 88 10.19 -24.02 17.19
N ILE A 89 11.51 -24.12 17.20
CA ILE A 89 12.17 -25.40 17.39
C ILE A 89 11.87 -25.95 18.78
N ALA A 90 11.93 -25.08 19.79
CA ALA A 90 11.67 -25.49 21.16
C ALA A 90 10.23 -25.95 21.38
N GLU A 91 9.30 -25.44 20.55
CA GLU A 91 7.88 -25.78 20.63
C GLU A 91 7.43 -26.83 19.61
N ASP A 92 8.38 -27.39 18.85
CA ASP A 92 8.07 -28.40 17.84
C ASP A 92 7.09 -27.86 16.78
N MET A 93 7.41 -26.67 16.29
CA MET A 93 6.57 -26.03 15.29
C MET A 93 7.40 -25.71 14.08
N TYR A 94 6.75 -25.63 12.92
CA TYR A 94 7.48 -25.30 11.72
C TYR A 94 7.61 -23.77 11.75
N VAL A 95 8.67 -23.27 11.14
CA VAL A 95 8.86 -21.83 11.09
C VAL A 95 9.17 -21.45 9.66
N ILE A 96 8.33 -20.58 9.11
CA ILE A 96 8.50 -20.12 7.74
C ILE A 96 9.36 -18.86 7.83
N ILE A 97 10.58 -18.95 7.29
CA ILE A 97 11.50 -17.82 7.30
C ILE A 97 11.22 -17.10 6.00
N ASP A 98 10.43 -16.05 6.13
CA ASP A 98 9.99 -15.23 5.02
C ASP A 98 10.79 -13.96 4.73
N PHE A 99 11.39 -13.91 3.54
CA PHE A 99 12.16 -12.75 3.10
C PHE A 99 10.99 -11.92 2.55
N HIS A 100 10.40 -11.14 3.45
CA HIS A 100 9.25 -10.29 3.15
C HIS A 100 9.56 -9.11 2.24
N SER A 101 9.57 -9.42 0.96
CA SER A 101 9.87 -8.46 -0.07
C SER A 101 8.95 -8.42 -1.27
N HIS A 102 8.96 -7.27 -1.94
CA HIS A 102 8.18 -7.03 -3.15
C HIS A 102 9.24 -6.68 -4.20
N GLU A 103 10.51 -6.84 -3.83
CA GLU A 103 11.61 -6.53 -4.75
C GLU A 103 12.86 -7.38 -4.54
N ALA A 104 12.70 -8.65 -4.17
CA ALA A 104 13.86 -9.50 -3.95
C ALA A 104 14.76 -9.69 -5.16
N HIS A 105 14.17 -9.81 -6.35
CA HIS A 105 14.97 -10.01 -7.55
C HIS A 105 15.87 -8.82 -7.90
N THR A 106 15.51 -7.63 -7.42
CA THR A 106 16.32 -6.45 -7.70
C THR A 106 17.32 -6.09 -6.59
N ASP A 107 17.44 -6.94 -5.58
CA ASP A 107 18.38 -6.70 -4.48
C ASP A 107 18.88 -8.07 -4.05
N GLN A 108 19.39 -8.81 -5.03
CA GLN A 108 19.90 -10.16 -4.82
C GLN A 108 21.03 -10.33 -3.84
N ALA A 109 21.91 -9.34 -3.72
CA ALA A 109 23.03 -9.45 -2.78
C ALA A 109 22.49 -9.59 -1.35
N THR A 110 21.45 -8.83 -1.04
CA THR A 110 20.85 -8.88 0.30
C THR A 110 20.16 -10.23 0.51
N ALA A 111 19.44 -10.68 -0.51
CA ALA A 111 18.72 -11.96 -0.44
C ALA A 111 19.70 -13.10 -0.20
N VAL A 112 20.82 -13.11 -0.92
CA VAL A 112 21.83 -14.16 -0.76
C VAL A 112 22.45 -14.11 0.65
N ARG A 113 22.77 -12.90 1.11
CA ARG A 113 23.37 -12.74 2.44
C ARG A 113 22.41 -13.28 3.50
N PHE A 114 21.15 -12.87 3.40
CA PHE A 114 20.12 -13.29 4.34
C PHE A 114 19.95 -14.81 4.35
N PHE A 115 19.78 -15.40 3.17
CA PHE A 115 19.61 -16.82 3.10
C PHE A 115 20.82 -17.69 3.46
N GLU A 116 22.01 -17.18 3.21
CA GLU A 116 23.17 -17.97 3.57
C GLU A 116 23.32 -17.95 5.09
N ASP A 117 22.97 -16.81 5.70
N ASP A 117 22.98 -16.81 5.69
CA ASP A 117 23.06 -16.68 7.14
CA ASP A 117 23.05 -16.66 7.14
C ASP A 117 22.05 -17.58 7.84
C ASP A 117 22.05 -17.57 7.84
N VAL A 118 20.81 -17.57 7.36
CA VAL A 118 19.76 -18.40 7.94
C VAL A 118 20.00 -19.89 7.71
N ALA A 119 20.49 -20.27 6.53
CA ALA A 119 20.74 -21.68 6.24
C ALA A 119 21.89 -22.20 7.11
N THR A 120 22.86 -21.33 7.37
CA THR A 120 24.00 -21.71 8.19
C THR A 120 23.60 -21.88 9.66
N LYS A 121 22.79 -20.94 10.15
CA LYS A 121 22.35 -20.97 11.54
C LYS A 121 21.23 -21.95 11.89
N TYR A 122 20.27 -22.11 10.97
CA TYR A 122 19.14 -23.00 11.24
C TYR A 122 18.89 -24.17 10.28
N GLY A 123 19.71 -24.30 9.25
CA GLY A 123 19.53 -25.38 8.29
C GLY A 123 19.45 -26.81 8.81
N GLN A 124 20.04 -27.11 9.95
CA GLN A 124 20.00 -28.45 10.49
C GLN A 124 18.62 -28.89 10.97
N TYR A 125 17.74 -27.92 11.21
CA TYR A 125 16.40 -28.22 11.68
C TYR A 125 15.34 -28.41 10.61
N ASP A 126 14.60 -29.51 10.71
CA ASP A 126 13.55 -29.82 9.74
C ASP A 126 12.37 -28.87 9.91
N ASN A 127 12.38 -28.08 10.98
CA ASN A 127 11.30 -27.13 11.25
C ASN A 127 11.30 -25.96 10.27
N VAL A 128 12.49 -25.64 9.77
CA VAL A 128 12.71 -24.54 8.85
C VAL A 128 12.23 -24.69 7.42
N ILE A 129 11.40 -23.74 7.00
CA ILE A 129 10.84 -23.69 5.67
C ILE A 129 11.31 -22.32 5.14
N TYR A 130 11.93 -22.30 3.97
CA TYR A 130 12.42 -21.06 3.39
C TYR A 130 11.48 -20.45 2.37
N GLU A 131 11.07 -19.20 2.61
CA GLU A 131 10.16 -18.49 1.69
C GLU A 131 11.06 -17.35 1.19
N ILE A 132 11.62 -17.57 0.01
CA ILE A 132 12.54 -16.63 -0.63
C ILE A 132 12.11 -15.32 -1.27
N TYR A 133 10.82 -15.14 -1.51
CA TYR A 133 10.33 -13.92 -2.15
C TYR A 133 8.83 -13.82 -1.89
N ASN A 134 8.49 -13.16 -0.79
CA ASN A 134 7.12 -12.98 -0.39
C ASN A 134 6.10 -12.73 -1.49
N GLU A 135 6.15 -11.54 -2.06
CA GLU A 135 5.23 -11.16 -3.11
C GLU A 135 5.74 -10.39 -4.31
N PRO A 136 6.14 -11.12 -5.37
CA PRO A 136 6.61 -10.45 -6.58
C PRO A 136 5.39 -9.65 -7.07
N LEU A 137 5.64 -8.56 -7.79
CA LEU A 137 4.55 -7.72 -8.31
C LEU A 137 4.23 -8.08 -9.76
N GLN A 138 4.13 -7.07 -10.63
CA GLN A 138 3.82 -7.30 -12.05
C GLN A 138 5.07 -7.63 -12.84
N ILE A 139 5.74 -8.72 -12.47
CA ILE A 139 6.96 -9.15 -13.15
C ILE A 139 6.85 -10.51 -13.80
N SER A 140 7.86 -10.87 -14.58
CA SER A 140 7.87 -12.15 -15.27
C SER A 140 8.33 -13.37 -14.48
N TRP A 141 7.53 -14.44 -14.54
CA TRP A 141 7.90 -15.65 -13.83
C TRP A 141 9.17 -16.23 -14.48
N VAL A 142 9.11 -16.42 -15.80
CA VAL A 142 10.24 -16.98 -16.54
C VAL A 142 11.51 -16.14 -16.61
N ASN A 143 11.34 -14.85 -16.83
CA ASN A 143 12.48 -13.94 -16.94
C ASN A 143 12.98 -13.27 -15.67
N ASP A 144 12.12 -13.09 -14.69
CA ASP A 144 12.53 -12.44 -13.45
C ASP A 144 12.57 -13.28 -12.18
N ILE A 145 11.44 -13.88 -11.83
CA ILE A 145 11.39 -14.68 -10.61
C ILE A 145 12.18 -15.98 -10.64
N LYS A 146 11.95 -16.78 -11.68
CA LYS A 146 12.64 -18.06 -11.81
C LYS A 146 14.17 -17.99 -11.73
N PRO A 147 14.82 -17.07 -12.48
CA PRO A 147 16.28 -16.99 -12.42
C PRO A 147 16.72 -16.64 -10.99
N TYR A 148 16.01 -15.69 -10.38
CA TYR A 148 16.30 -15.28 -9.01
C TYR A 148 16.18 -16.48 -8.08
N ALA A 149 15.07 -17.21 -8.23
CA ALA A 149 14.79 -18.37 -7.42
C ALA A 149 15.85 -19.45 -7.52
N GLU A 150 16.29 -19.77 -8.73
CA GLU A 150 17.31 -20.80 -8.92
C GLU A 150 18.61 -20.39 -8.24
N THR A 151 18.93 -19.10 -8.31
CA THR A 151 20.15 -18.61 -7.69
C THR A 151 20.12 -18.77 -6.17
N VAL A 152 19.04 -18.27 -5.55
CA VAL A 152 18.87 -18.35 -4.11
C VAL A 152 18.72 -19.79 -3.61
N ILE A 153 17.95 -20.61 -4.34
CA ILE A 153 17.76 -22.01 -3.95
C ILE A 153 19.14 -22.67 -3.91
N ASP A 154 19.96 -22.41 -4.93
CA ASP A 154 21.30 -23.01 -4.95
C ASP A 154 22.20 -22.53 -3.83
N LYS A 155 22.05 -21.26 -3.43
CA LYS A 155 22.87 -20.71 -2.35
C LYS A 155 22.46 -21.40 -1.04
N ILE A 156 21.16 -21.58 -0.85
CA ILE A 156 20.65 -22.23 0.37
C ILE A 156 21.08 -23.69 0.41
N ARG A 157 20.79 -24.41 -0.66
CA ARG A 157 21.10 -25.83 -0.79
C ARG A 157 22.57 -26.23 -0.68
N ALA A 158 23.48 -25.29 -0.89
CA ALA A 158 24.92 -25.56 -0.78
C ALA A 158 25.29 -25.69 0.70
N ILE A 159 24.46 -25.12 1.56
CA ILE A 159 24.66 -25.12 3.00
C ILE A 159 23.72 -26.11 3.69
N ASP A 160 22.43 -25.98 3.36
CA ASP A 160 21.39 -26.84 3.91
C ASP A 160 20.74 -27.55 2.73
N PRO A 161 21.10 -28.83 2.50
CA PRO A 161 20.54 -29.58 1.36
C PRO A 161 19.12 -30.13 1.52
N ASP A 162 18.61 -30.19 2.75
CA ASP A 162 17.27 -30.73 2.98
C ASP A 162 16.30 -29.73 3.56
N ASN A 163 15.28 -29.41 2.78
CA ASN A 163 14.28 -28.46 3.21
C ASN A 163 13.30 -28.21 2.12
N LEU A 164 12.22 -27.54 2.50
CA LEU A 164 11.19 -27.18 1.58
C LEU A 164 11.44 -25.68 1.34
N ILE A 165 11.45 -25.29 0.07
CA ILE A 165 11.66 -23.89 -0.30
C ILE A 165 10.37 -23.49 -1.03
N VAL A 166 9.75 -22.40 -0.58
CA VAL A 166 8.51 -21.89 -1.18
C VAL A 166 8.87 -20.64 -1.99
N VAL A 167 8.54 -20.64 -3.28
CA VAL A 167 8.83 -19.53 -4.20
C VAL A 167 7.62 -18.67 -4.60
N GLY A 168 7.76 -17.36 -4.43
CA GLY A 168 6.71 -16.41 -4.76
C GLY A 168 6.37 -16.45 -6.24
N THR A 169 5.16 -16.04 -6.58
CA THR A 169 4.69 -16.03 -7.96
C THR A 169 4.22 -14.63 -8.34
N PRO A 170 4.07 -14.35 -9.65
CA PRO A 170 3.63 -13.02 -10.06
C PRO A 170 2.31 -12.51 -9.51
N THR A 171 2.16 -11.19 -9.52
CA THR A 171 0.96 -10.50 -9.06
C THR A 171 0.57 -10.83 -7.63
N TRP A 172 1.40 -10.42 -6.68
CA TRP A 172 1.19 -10.65 -5.27
C TRP A 172 0.96 -12.14 -4.98
N SER A 173 1.76 -12.98 -5.64
CA SER A 173 1.67 -14.43 -5.49
C SER A 173 0.30 -15.03 -5.78
N GLN A 174 -0.27 -14.58 -6.90
CA GLN A 174 -1.58 -15.07 -7.32
C GLN A 174 -1.39 -15.96 -8.54
N ASP A 175 -0.39 -15.61 -9.36
CA ASP A 175 -0.11 -16.34 -10.59
C ASP A 175 0.62 -17.68 -10.54
N VAL A 176 0.11 -18.58 -9.72
CA VAL A 176 0.71 -19.90 -9.58
C VAL A 176 0.47 -20.70 -10.86
N ASP A 177 -0.59 -20.35 -11.59
CA ASP A 177 -0.92 -21.01 -12.84
C ASP A 177 0.19 -20.73 -13.85
N VAL A 178 0.67 -19.48 -13.85
CA VAL A 178 1.76 -19.10 -14.76
C VAL A 178 3.02 -19.86 -14.38
N ALA A 179 3.38 -19.82 -13.10
CA ALA A 179 4.57 -20.51 -12.64
C ALA A 179 4.54 -22.01 -12.93
N SER A 180 3.36 -22.62 -12.85
CA SER A 180 3.24 -24.06 -13.12
C SER A 180 3.59 -24.49 -14.54
N GLN A 181 3.54 -23.55 -15.47
CA GLN A 181 3.86 -23.85 -16.87
C GLN A 181 5.36 -24.04 -17.07
N ASN A 182 6.17 -23.40 -16.24
CA ASN A 182 7.62 -23.50 -16.33
C ASN A 182 8.17 -23.68 -14.92
N PRO A 183 7.95 -24.87 -14.32
CA PRO A 183 8.42 -25.14 -12.96
C PRO A 183 9.94 -25.19 -12.83
N ILE A 184 10.39 -25.10 -11.59
CA ILE A 184 11.82 -25.13 -11.28
C ILE A 184 12.29 -26.56 -11.08
N ASP A 185 13.41 -26.92 -11.73
CA ASP A 185 13.95 -28.27 -11.60
C ASP A 185 14.89 -28.40 -10.41
N ARG A 186 14.30 -28.37 -9.22
CA ARG A 186 15.06 -28.49 -7.97
C ARG A 186 14.14 -29.34 -7.09
N ALA A 187 14.72 -30.07 -6.14
CA ALA A 187 13.88 -30.90 -5.29
C ALA A 187 13.15 -30.07 -4.24
N ASN A 188 12.03 -30.60 -3.79
CA ASN A 188 11.21 -29.97 -2.75
C ASN A 188 10.97 -28.47 -2.84
N ILE A 189 10.35 -28.05 -3.95
CA ILE A 189 10.03 -26.66 -4.17
C ILE A 189 8.52 -26.55 -4.25
N ALA A 190 7.96 -25.59 -3.51
CA ALA A 190 6.53 -25.36 -3.51
C ALA A 190 6.40 -23.93 -3.99
N TYR A 191 5.20 -23.56 -4.42
CA TYR A 191 4.94 -22.22 -4.93
C TYR A 191 3.89 -21.47 -4.11
N THR A 192 4.18 -20.20 -3.88
CA THR A 192 3.32 -19.32 -3.11
C THR A 192 1.98 -18.90 -3.68
N LEU A 193 0.94 -19.03 -2.86
CA LEU A 193 -0.42 -18.65 -3.23
C LEU A 193 -0.91 -17.73 -2.12
N HIS A 194 -1.27 -16.49 -2.47
CA HIS A 194 -1.78 -15.53 -1.48
C HIS A 194 -3.14 -15.02 -1.91
N PHE A 195 -4.05 -14.87 -0.96
CA PHE A 195 -5.39 -14.38 -1.27
C PHE A 195 -6.01 -13.72 -0.03
N TYR A 196 -7.05 -12.92 -0.28
CA TYR A 196 -7.79 -12.23 0.76
C TYR A 196 -9.25 -12.59 0.46
N ALA A 197 -9.91 -13.25 1.41
CA ALA A 197 -11.30 -13.68 1.27
C ALA A 197 -12.30 -12.62 0.82
N GLY A 198 -12.10 -11.39 1.25
CA GLY A 198 -13.04 -10.34 0.84
C GLY A 198 -12.80 -9.80 -0.55
N THR A 199 -11.76 -10.28 -1.23
CA THR A 199 -11.46 -9.80 -2.57
C THR A 199 -11.33 -10.89 -3.64
N HIS A 200 -10.65 -11.97 -3.29
CA HIS A 200 -10.41 -13.09 -4.20
C HIS A 200 -11.32 -14.29 -3.96
N GLY A 201 -12.00 -14.73 -5.02
CA GLY A 201 -12.90 -15.86 -4.91
C GLY A 201 -12.59 -17.05 -5.79
N GLN A 202 -13.64 -17.67 -6.32
CA GLN A 202 -13.49 -18.84 -7.18
C GLN A 202 -12.52 -18.71 -8.36
N SER A 203 -12.45 -17.54 -8.98
CA SER A 203 -11.53 -17.38 -10.13
C SER A 203 -10.08 -17.55 -9.70
N TYR A 204 -9.77 -17.15 -8.47
CA TYR A 204 -8.42 -17.26 -7.96
C TYR A 204 -8.15 -18.69 -7.52
N ARG A 205 -9.19 -19.37 -7.04
CA ARG A 205 -9.02 -20.77 -6.63
C ARG A 205 -8.79 -21.55 -7.93
N ASN A 206 -9.45 -21.11 -9.01
CA ASN A 206 -9.29 -21.78 -10.31
C ASN A 206 -7.86 -21.68 -10.84
N LYS A 207 -7.19 -20.55 -10.59
CA LYS A 207 -5.81 -20.34 -11.04
C LYS A 207 -4.95 -21.34 -10.25
N ALA A 208 -5.28 -21.51 -8.96
CA ALA A 208 -4.55 -22.43 -8.10
C ALA A 208 -4.84 -23.86 -8.56
N GLN A 209 -6.07 -24.11 -8.99
CA GLN A 209 -6.44 -25.45 -9.48
C GLN A 209 -5.63 -25.78 -10.73
N THR A 210 -5.42 -24.78 -11.59
CA THR A 210 -4.65 -24.96 -12.82
C THR A 210 -3.22 -25.35 -12.44
N ALA A 211 -2.67 -24.68 -11.43
CA ALA A 211 -1.30 -24.96 -10.97
C ALA A 211 -1.18 -26.39 -10.43
N LEU A 212 -2.10 -26.77 -9.56
CA LEU A 212 -2.10 -28.12 -8.97
C LEU A 212 -2.22 -29.16 -10.07
N ASP A 213 -3.14 -28.95 -11.00
CA ASP A 213 -3.34 -29.88 -12.11
C ASP A 213 -2.12 -29.98 -13.01
N ASN A 214 -1.33 -28.91 -13.07
CA ASN A 214 -0.13 -28.90 -13.90
C ASN A 214 1.04 -29.60 -13.22
N GLY A 215 0.86 -30.02 -11.96
CA GLY A 215 1.94 -30.70 -11.27
C GLY A 215 2.72 -30.02 -10.17
N ILE A 216 2.43 -28.76 -9.84
CA ILE A 216 3.20 -28.11 -8.77
C ILE A 216 2.45 -28.02 -7.44
N ALA A 217 3.21 -28.09 -6.36
CA ALA A 217 2.66 -28.01 -5.00
C ALA A 217 2.58 -26.55 -4.58
N LEU A 218 1.53 -26.21 -3.83
CA LEU A 218 1.31 -24.85 -3.36
C LEU A 218 1.36 -24.75 -1.83
N PHE A 219 1.67 -23.55 -1.35
CA PHE A 219 1.75 -23.27 0.07
C PHE A 219 1.24 -21.84 0.20
N ALA A 220 0.09 -21.68 0.86
CA ALA A 220 -0.52 -20.37 1.05
C ALA A 220 0.10 -19.71 2.29
N THR A 221 1.32 -19.19 2.10
CA THR A 221 2.05 -18.54 3.18
C THR A 221 1.44 -17.25 3.73
N GLU A 222 0.42 -16.72 3.07
CA GLU A 222 -0.20 -15.49 3.54
C GLU A 222 -1.60 -15.36 3.00
N TRP A 223 -2.55 -15.12 3.89
CA TRP A 223 -3.94 -14.98 3.46
C TRP A 223 -4.74 -14.21 4.50
N GLY A 224 -5.77 -13.51 4.04
CA GLY A 224 -6.60 -12.75 4.95
C GLY A 224 -8.07 -13.10 4.84
N THR A 225 -8.81 -12.84 5.92
CA THR A 225 -10.24 -13.11 5.99
C THR A 225 -11.03 -11.92 5.48
N VAL A 226 -10.37 -10.78 5.40
CA VAL A 226 -10.99 -9.53 4.96
C VAL A 226 -10.70 -9.12 3.52
N ASN A 227 -11.07 -7.89 3.17
CA ASN A 227 -10.85 -7.37 1.83
C ASN A 227 -9.36 -7.12 1.68
N ALA A 228 -8.89 -7.13 0.44
CA ALA A 228 -7.48 -6.89 0.18
C ALA A 228 -7.05 -5.51 0.68
N ASP A 229 -8.00 -4.59 0.85
CA ASP A 229 -7.67 -3.25 1.34
C ASP A 229 -7.34 -3.22 2.84
N GLY A 230 -7.15 -4.40 3.42
CA GLY A 230 -6.82 -4.54 4.83
C GLY A 230 -7.90 -4.23 5.84
N ASN A 231 -8.84 -3.39 5.45
CA ASN A 231 -9.93 -3.02 6.33
C ASN A 231 -11.10 -3.92 5.99
N GLY A 232 -12.29 -3.50 6.41
CA GLY A 232 -13.47 -4.28 6.13
C GLY A 232 -13.75 -5.42 7.08
N GLY A 233 -14.89 -6.06 6.85
CA GLY A 233 -15.30 -7.17 7.66
C GLY A 233 -14.84 -8.49 7.10
N VAL A 234 -14.99 -9.53 7.91
CA VAL A 234 -14.61 -10.87 7.54
C VAL A 234 -15.65 -11.47 6.61
N ASN A 235 -15.20 -12.08 5.52
CA ASN A 235 -16.12 -12.70 4.59
C ASN A 235 -16.04 -14.17 5.00
N ILE A 236 -16.98 -14.58 5.84
CA ILE A 236 -17.06 -15.94 6.37
C ILE A 236 -17.19 -17.02 5.29
N ASN A 237 -18.17 -16.87 4.41
CA ASN A 237 -18.37 -17.86 3.37
C ASN A 237 -17.21 -18.05 2.41
N GLU A 238 -16.57 -16.96 1.99
CA GLU A 238 -15.44 -17.08 1.08
C GLU A 238 -14.24 -17.68 1.82
N THR A 239 -14.07 -17.32 3.09
CA THR A 239 -12.96 -17.86 3.87
C THR A 239 -13.15 -19.37 3.96
N ASP A 240 -14.38 -19.81 4.24
CA ASP A 240 -14.67 -21.23 4.35
C ASP A 240 -14.40 -21.94 3.02
N ALA A 241 -14.78 -21.30 1.90
CA ALA A 241 -14.56 -21.89 0.58
C ALA A 241 -13.07 -22.13 0.36
N TRP A 242 -12.25 -21.15 0.72
CA TRP A 242 -10.80 -21.26 0.56
C TRP A 242 -10.26 -22.32 1.51
N MET A 243 -10.75 -22.35 2.75
CA MET A 243 -10.26 -23.35 3.71
C MET A 243 -10.61 -24.77 3.28
N ALA A 244 -11.75 -24.94 2.61
CA ALA A 244 -12.16 -26.26 2.15
C ALA A 244 -11.23 -26.67 0.99
N PHE A 245 -10.89 -25.69 0.15
CA PHE A 245 -10.00 -25.93 -0.99
C PHE A 245 -8.63 -26.35 -0.44
N PHE A 246 -8.18 -25.69 0.62
CA PHE A 246 -6.89 -26.01 1.23
C PHE A 246 -6.92 -27.36 1.93
N LYS A 247 -7.95 -27.62 2.71
CA LYS A 247 -8.07 -28.89 3.43
C LYS A 247 -8.08 -30.10 2.49
N THR A 248 -8.92 -30.05 1.46
CA THR A 248 -9.04 -31.14 0.48
C THR A 248 -7.78 -31.39 -0.36
N ASN A 249 -6.97 -30.34 -0.54
CA ASN A 249 -5.74 -30.45 -1.31
C ASN A 249 -4.50 -30.49 -0.43
N ASN A 250 -4.72 -30.45 0.88
CA ASN A 250 -3.63 -30.44 1.86
C ASN A 250 -2.62 -29.32 1.63
N ILE A 251 -3.17 -28.12 1.48
CA ILE A 251 -2.37 -26.92 1.27
C ILE A 251 -2.25 -26.27 2.65
N SER A 252 -1.00 -26.09 3.09
CA SER A 252 -0.72 -25.48 4.39
C SER A 252 -0.90 -23.97 4.27
N HIS A 253 -1.11 -23.29 5.38
CA HIS A 253 -1.30 -21.85 5.30
C HIS A 253 -0.97 -21.05 6.57
N ALA A 254 -0.68 -19.77 6.36
CA ALA A 254 -0.35 -18.83 7.44
C ALA A 254 -1.23 -17.60 7.26
N ASN A 255 -1.99 -17.26 8.30
CA ASN A 255 -2.87 -16.11 8.25
C ASN A 255 -2.21 -14.78 8.59
N TRP A 256 -2.60 -13.75 7.85
CA TRP A 256 -2.07 -12.39 8.06
C TRP A 256 -3.17 -11.67 8.85
N ALA A 257 -2.89 -11.12 10.03
CA ALA A 257 -1.56 -11.15 10.67
C ALA A 257 -1.64 -11.08 12.19
N LEU A 258 -0.67 -11.70 12.86
CA LEU A 258 -0.59 -11.72 14.31
C LEU A 258 0.00 -10.32 14.52
N ASN A 259 -0.86 -9.36 14.86
CA ASN A 259 -0.46 -7.98 15.06
C ASN A 259 -1.63 -7.26 15.75
N ASP A 260 -1.44 -5.99 16.12
CA ASP A 260 -2.51 -5.23 16.78
C ASP A 260 -2.82 -3.89 16.14
N LYS A 261 -2.39 -3.72 14.89
CA LYS A 261 -2.64 -2.48 14.17
C LYS A 261 -4.17 -2.43 14.02
N ASN A 262 -4.73 -1.22 14.05
CA ASN A 262 -6.18 -1.08 13.92
C ASN A 262 -6.65 -1.27 12.47
N GLU A 263 -6.69 -2.53 12.05
CA GLU A 263 -7.13 -2.89 10.70
C GLU A 263 -7.76 -4.27 10.82
N GLY A 264 -8.67 -4.57 9.89
CA GLY A 264 -9.35 -5.85 9.91
C GLY A 264 -8.51 -7.11 9.93
N ALA A 265 -7.35 -7.09 9.27
CA ALA A 265 -6.48 -8.27 9.24
C ALA A 265 -5.79 -8.63 10.55
N SER A 266 -5.68 -7.68 11.48
CA SER A 266 -5.02 -7.97 12.75
C SER A 266 -5.79 -8.98 13.59
N LEU A 267 -5.07 -9.92 14.21
CA LEU A 267 -5.72 -10.92 15.02
C LEU A 267 -6.20 -10.27 16.32
N PHE A 268 -5.45 -9.27 16.77
CA PHE A 268 -5.76 -8.57 18.02
C PHE A 268 -6.24 -7.13 17.94
N THR A 269 -6.99 -6.73 18.95
CA THR A 269 -7.51 -5.36 19.04
C THR A 269 -6.26 -4.52 19.38
N PRO A 270 -6.31 -3.20 19.14
CA PRO A 270 -5.16 -2.34 19.44
C PRO A 270 -4.77 -2.45 20.92
N GLY A 271 -3.49 -2.71 21.17
CA GLY A 271 -3.04 -2.85 22.55
C GLY A 271 -3.62 -4.13 23.14
N GLY A 272 -3.98 -5.06 22.26
CA GLY A 272 -4.56 -6.33 22.69
C GLY A 272 -3.69 -7.53 22.34
N SER A 273 -4.15 -8.71 22.74
CA SER A 273 -3.42 -9.94 22.48
C SER A 273 -4.40 -11.12 22.41
N TRP A 274 -3.93 -12.30 22.80
CA TRP A 274 -4.73 -13.53 22.79
C TRP A 274 -6.12 -13.49 23.41
N ASN A 275 -6.30 -12.69 24.45
CA ASN A 275 -7.61 -12.59 25.11
C ASN A 275 -8.48 -11.45 24.59
N SER A 276 -8.06 -10.81 23.51
CA SER A 276 -8.82 -9.70 22.92
C SER A 276 -8.68 -9.75 21.41
N LEU A 277 -9.36 -10.72 20.81
CA LEU A 277 -9.34 -10.92 19.38
C LEU A 277 -10.37 -10.10 18.60
N THR A 278 -10.00 -9.79 17.36
CA THR A 278 -10.86 -9.04 16.46
C THR A 278 -11.78 -10.08 15.84
N SER A 279 -12.70 -9.65 14.99
CA SER A 279 -13.60 -10.60 14.35
C SER A 279 -12.75 -11.54 13.49
N SER A 280 -11.70 -11.02 12.86
CA SER A 280 -10.82 -11.86 12.04
C SER A 280 -10.11 -12.84 12.96
N GLY A 281 -9.61 -12.33 14.09
CA GLY A 281 -8.90 -13.18 15.05
C GLY A 281 -9.75 -14.36 15.52
N SER A 282 -11.04 -14.11 15.78
CA SER A 282 -11.92 -15.19 16.24
C SER A 282 -12.12 -16.24 15.16
N LYS A 283 -12.28 -15.79 13.92
CA LYS A 283 -12.48 -16.71 12.80
C LYS A 283 -11.21 -17.53 12.53
N VAL A 284 -10.06 -16.85 12.55
CA VAL A 284 -8.78 -17.50 12.31
C VAL A 284 -8.51 -18.52 13.40
N LYS A 285 -8.80 -18.17 14.65
CA LYS A 285 -8.58 -19.10 15.77
C LYS A 285 -9.41 -20.37 15.58
N GLU A 286 -10.65 -20.18 15.10
CA GLU A 286 -11.55 -21.30 14.86
C GLU A 286 -10.95 -22.26 13.82
N ILE A 287 -10.45 -21.67 12.73
CA ILE A 287 -9.85 -22.46 11.65
C ILE A 287 -8.60 -23.21 12.10
N ILE A 288 -7.67 -22.49 12.72
CA ILE A 288 -6.45 -23.11 13.17
C ILE A 288 -6.65 -24.15 14.26
N GLN A 289 -7.52 -23.86 15.23
CA GLN A 289 -7.77 -24.81 16.30
C GLN A 289 -8.30 -26.15 15.81
N GLY A 290 -9.16 -26.12 14.79
CA GLY A 290 -9.71 -27.36 14.27
C GLY A 290 -9.03 -27.94 13.04
N TRP A 291 -7.87 -27.41 12.65
CA TRP A 291 -7.20 -27.93 11.47
C TRP A 291 -6.65 -29.34 11.66
N GLY A 292 -6.01 -29.59 12.78
CA GLY A 292 -5.46 -30.91 13.05
C GLY A 292 -4.31 -30.88 14.04
N GLY A 293 -3.78 -29.69 14.31
CA GLY A 293 -2.66 -29.56 15.24
C GLY A 293 -3.08 -29.70 16.70
N ALA B 1 5.34 2.23 -15.80
CA ALA B 1 5.83 2.97 -14.60
C ALA B 1 5.89 4.47 -14.85
N VAL B 2 5.89 5.26 -13.77
CA VAL B 2 5.96 6.71 -13.88
C VAL B 2 7.33 7.13 -13.37
N GLU B 3 7.75 8.34 -13.71
CA GLU B 3 9.06 8.83 -13.27
C GLU B 3 8.96 9.29 -11.81
N LYS B 4 10.01 9.01 -11.05
CA LYS B 4 10.06 9.39 -9.64
C LYS B 4 10.11 10.92 -9.48
N LEU B 5 9.33 11.45 -8.53
CA LEU B 5 9.30 12.88 -8.29
C LEU B 5 10.20 13.30 -7.13
N THR B 6 10.97 14.36 -7.34
CA THR B 6 11.88 14.90 -6.34
C THR B 6 11.81 16.42 -6.41
N VAL B 7 12.34 17.09 -5.40
CA VAL B 7 12.34 18.54 -5.39
C VAL B 7 13.76 19.09 -5.40
N SER B 8 13.99 20.07 -6.25
CA SER B 8 15.30 20.71 -6.39
C SER B 8 14.96 22.19 -6.47
N GLY B 9 15.30 22.93 -5.43
CA GLY B 9 15.01 24.36 -5.42
C GLY B 9 13.51 24.55 -5.44
N ASN B 10 13.02 25.43 -6.30
CA ASN B 10 11.58 25.67 -6.39
C ASN B 10 10.94 24.82 -7.49
N GLN B 11 11.63 23.76 -7.89
CA GLN B 11 11.13 22.86 -8.93
C GLN B 11 10.96 21.41 -8.51
N ILE B 12 9.91 20.79 -9.04
CA ILE B 12 9.61 19.39 -8.76
C ILE B 12 10.07 18.72 -10.06
N LEU B 13 11.01 17.79 -9.95
CA LEU B 13 11.52 17.09 -11.12
C LEU B 13 10.93 15.70 -11.24
N ALA B 14 10.82 15.22 -12.49
CA ALA B 14 10.28 13.89 -12.76
C ALA B 14 11.43 13.18 -13.49
N GLY B 15 12.03 12.19 -12.85
CA GLY B 15 13.12 11.47 -13.46
C GLY B 15 14.28 12.42 -13.74
N GLY B 16 14.40 13.44 -12.89
CA GLY B 16 15.47 14.42 -13.04
C GLY B 16 15.22 15.54 -14.04
N GLU B 17 14.04 15.58 -14.64
CA GLU B 17 13.78 16.64 -15.60
C GLU B 17 12.64 17.56 -15.25
N ASN B 18 12.71 18.77 -15.79
CA ASN B 18 11.70 19.80 -15.58
C ASN B 18 10.50 19.48 -16.43
N THR B 19 9.35 19.37 -15.78
CA THR B 19 8.11 19.06 -16.47
C THR B 19 6.97 19.22 -15.46
N SER B 20 5.74 18.97 -15.88
CA SER B 20 4.60 19.08 -15.00
C SER B 20 3.49 18.19 -15.50
N PHE B 21 2.52 17.94 -14.62
CA PHE B 21 1.40 17.08 -14.95
C PHE B 21 0.04 17.66 -14.60
N ALA B 22 -0.97 17.29 -15.37
CA ALA B 22 -2.32 17.77 -15.15
C ALA B 22 -3.31 16.61 -15.08
N GLY B 23 -4.31 16.76 -14.23
CA GLY B 23 -5.32 15.73 -14.08
C GLY B 23 -6.47 16.24 -13.26
N PRO B 24 -7.48 15.40 -13.02
CA PRO B 24 -8.64 15.81 -12.23
C PRO B 24 -8.57 15.38 -10.78
N SER B 25 -9.22 16.15 -9.92
CA SER B 25 -9.25 15.81 -8.53
C SER B 25 -10.67 15.26 -8.33
N LEU B 26 -10.76 14.11 -7.69
CA LEU B 26 -12.06 13.53 -7.44
C LEU B 26 -12.63 14.42 -6.33
N PHE B 27 -13.96 14.43 -6.22
CA PHE B 27 -14.67 15.20 -5.20
C PHE B 27 -14.49 14.44 -3.88
N TRP B 28 -14.98 15.02 -2.79
CA TRP B 28 -14.90 14.39 -1.45
C TRP B 28 -15.33 12.94 -1.58
N SER B 29 -14.60 12.03 -0.92
CA SER B 29 -14.92 10.61 -0.97
C SER B 29 -16.05 10.24 0.01
N ASN B 30 -16.40 11.17 0.89
CA ASN B 30 -17.43 11.01 1.91
C ASN B 30 -18.66 10.18 1.58
N THR B 31 -18.99 9.26 2.47
CA THR B 31 -20.15 8.41 2.30
C THR B 31 -21.37 9.34 2.40
N GLY B 32 -22.24 9.26 1.41
CA GLY B 32 -23.43 10.09 1.40
C GLY B 32 -23.28 11.37 0.59
N TRP B 33 -22.05 11.70 0.18
CA TRP B 33 -21.83 12.91 -0.59
C TRP B 33 -21.98 12.80 -2.11
N GLY B 34 -22.36 11.61 -2.58
CA GLY B 34 -22.55 11.38 -4.00
C GLY B 34 -21.43 11.08 -4.97
N ALA B 35 -20.17 11.25 -4.55
CA ALA B 35 -19.04 11.00 -5.42
C ALA B 35 -18.46 9.59 -5.30
N GLU B 36 -19.02 8.77 -4.42
CA GLU B 36 -18.54 7.40 -4.22
C GLU B 36 -18.53 6.62 -5.52
N LYS B 37 -19.54 6.87 -6.37
CA LYS B 37 -19.66 6.18 -7.65
C LYS B 37 -18.52 6.49 -8.62
N PHE B 38 -17.68 7.45 -8.28
CA PHE B 38 -16.55 7.85 -9.13
C PHE B 38 -15.20 7.29 -8.68
N TYR B 39 -15.17 6.74 -7.46
CA TYR B 39 -13.94 6.16 -6.93
C TYR B 39 -13.86 4.73 -7.46
N THR B 40 -13.64 4.61 -8.76
CA THR B 40 -13.55 3.31 -9.41
C THR B 40 -12.40 3.21 -10.40
N ALA B 41 -12.04 1.97 -10.72
CA ALA B 41 -10.96 1.73 -11.67
C ALA B 41 -11.39 2.27 -13.02
N GLU B 42 -12.70 2.13 -13.31
CA GLU B 42 -13.29 2.60 -14.56
C GLU B 42 -13.12 4.11 -14.75
N THR B 43 -13.36 4.87 -13.68
CA THR B 43 -13.23 6.33 -13.75
C THR B 43 -11.77 6.76 -13.90
N VAL B 44 -10.85 6.08 -13.24
CA VAL B 44 -9.44 6.43 -13.35
C VAL B 44 -9.00 6.21 -14.79
N ALA B 45 -9.44 5.09 -15.38
CA ALA B 45 -9.09 4.76 -16.76
C ALA B 45 -9.67 5.81 -17.71
N LYS B 46 -10.89 6.26 -17.43
CA LYS B 46 -11.57 7.26 -18.25
C LYS B 46 -10.85 8.62 -18.19
N ALA B 47 -10.29 8.95 -17.03
CA ALA B 47 -9.58 10.22 -16.89
C ALA B 47 -8.42 10.22 -17.88
N LYS B 48 -7.82 9.04 -18.08
CA LYS B 48 -6.71 8.91 -19.02
C LYS B 48 -7.18 8.89 -20.47
N THR B 49 -8.13 8.01 -20.79
CA THR B 49 -8.63 7.91 -22.17
C THR B 49 -9.42 9.10 -22.68
N GLU B 50 -10.13 9.80 -21.80
CA GLU B 50 -10.90 10.96 -22.24
C GLU B 50 -10.10 12.26 -22.27
N PHE B 51 -9.41 12.56 -21.18
CA PHE B 51 -8.62 13.78 -21.04
C PHE B 51 -7.10 13.65 -21.19
N ASN B 52 -6.60 12.42 -21.21
CA ASN B 52 -5.17 12.15 -21.33
C ASN B 52 -4.51 12.61 -20.02
N ALA B 53 -5.26 12.47 -18.93
CA ALA B 53 -4.79 12.86 -17.60
C ALA B 53 -3.59 12.01 -17.21
N THR B 54 -2.63 12.62 -16.52
CA THR B 54 -1.42 11.91 -16.08
C THR B 54 -1.41 11.70 -14.56
N LEU B 55 -2.42 12.23 -13.89
CA LEU B 55 -2.55 12.10 -12.45
C LEU B 55 -4.01 12.18 -12.06
N ILE B 56 -4.32 11.77 -10.83
CA ILE B 56 -5.67 11.82 -10.30
C ILE B 56 -5.53 12.00 -8.80
N ARG B 57 -6.35 12.87 -8.23
CA ARG B 57 -6.32 13.12 -6.80
C ARG B 57 -7.49 12.48 -6.08
N ALA B 58 -7.17 11.74 -5.03
CA ALA B 58 -8.19 11.06 -4.23
C ALA B 58 -8.38 11.91 -2.97
N ALA B 59 -9.49 12.65 -2.93
CA ALA B 59 -9.83 13.51 -1.81
C ALA B 59 -10.57 12.75 -0.71
N ILE B 60 -9.80 12.10 0.15
CA ILE B 60 -10.35 11.33 1.25
C ILE B 60 -10.77 12.26 2.38
N GLY B 61 -12.06 12.46 2.47
CA GLY B 61 -12.63 13.34 3.48
C GLY B 61 -12.32 13.08 4.94
N HIS B 62 -11.97 14.16 5.65
CA HIS B 62 -11.66 14.10 7.05
C HIS B 62 -12.31 15.27 7.79
N GLY B 63 -12.79 15.01 9.00
CA GLY B 63 -13.43 16.06 9.79
C GLY B 63 -14.29 15.48 10.90
N THR B 64 -14.03 15.91 12.13
CA THR B 64 -14.79 15.41 13.27
C THR B 64 -16.26 15.79 13.25
N SER B 65 -16.63 16.75 12.40
CA SER B 65 -18.01 17.20 12.27
C SER B 65 -18.44 17.18 10.81
N THR B 66 -17.65 16.50 9.98
CA THR B 66 -17.94 16.39 8.56
C THR B 66 -18.53 15.02 8.29
N GLY B 67 -19.82 15.00 7.98
CA GLY B 67 -20.53 13.77 7.71
C GLY B 67 -19.93 12.84 6.68
N GLY B 68 -19.93 11.55 7.00
CA GLY B 68 -19.40 10.54 6.11
C GLY B 68 -17.89 10.54 5.87
N SER B 69 -17.17 11.32 6.67
CA SER B 69 -15.71 11.42 6.53
C SER B 69 -15.01 10.22 7.20
N LEU B 70 -13.68 10.26 7.26
CA LEU B 70 -12.90 9.19 7.87
C LEU B 70 -13.27 9.03 9.34
N ASN B 71 -13.77 10.11 9.94
CA ASN B 71 -14.17 10.11 11.34
C ASN B 71 -15.49 9.38 11.60
N PHE B 72 -16.18 9.00 10.51
CA PHE B 72 -17.45 8.28 10.63
C PHE B 72 -17.53 6.96 9.88
N ASP B 73 -16.79 6.86 8.77
CA ASP B 73 -16.79 5.64 7.97
C ASP B 73 -15.39 5.39 7.43
N TRP B 74 -14.50 4.97 8.33
CA TRP B 74 -13.12 4.70 7.96
C TRP B 74 -13.03 3.69 6.82
N GLU B 75 -13.71 2.56 6.99
CA GLU B 75 -13.74 1.47 6.01
C GLU B 75 -14.17 1.89 4.59
N GLY B 76 -15.32 2.55 4.47
CA GLY B 76 -15.80 2.97 3.18
C GLY B 76 -14.87 3.93 2.45
N ASN B 77 -14.38 4.94 3.16
CA ASN B 77 -13.48 5.92 2.56
C ASN B 77 -12.14 5.29 2.19
N MET B 78 -11.59 4.47 3.08
CA MET B 78 -10.31 3.82 2.78
C MET B 78 -10.39 2.82 1.64
N SER B 79 -11.56 2.20 1.48
CA SER B 79 -11.78 1.23 0.41
C SER B 79 -11.81 1.97 -0.93
N ARG B 80 -12.44 3.14 -0.94
CA ARG B 80 -12.53 3.96 -2.15
C ARG B 80 -11.13 4.42 -2.53
N LEU B 81 -10.32 4.77 -1.52
CA LEU B 81 -8.95 5.22 -1.77
C LEU B 81 -8.15 4.08 -2.39
N ASP B 82 -8.28 2.89 -1.82
CA ASP B 82 -7.57 1.70 -2.31
C ASP B 82 -7.88 1.43 -3.77
N THR B 83 -9.15 1.49 -4.13
CA THR B 83 -9.57 1.26 -5.49
C THR B 83 -8.90 2.24 -6.47
N VAL B 84 -8.91 3.52 -6.10
CA VAL B 84 -8.31 4.56 -6.94
C VAL B 84 -6.79 4.46 -7.05
N VAL B 85 -6.12 4.20 -5.94
CA VAL B 85 -4.66 4.09 -5.94
C VAL B 85 -4.18 2.94 -6.82
N ASN B 86 -4.78 1.76 -6.65
CA ASN B 86 -4.39 0.61 -7.44
C ASN B 86 -4.67 0.82 -8.91
N ALA B 87 -5.77 1.51 -9.24
CA ALA B 87 -6.12 1.77 -10.62
C ALA B 87 -5.11 2.76 -11.21
N ALA B 88 -4.75 3.78 -10.45
CA ALA B 88 -3.79 4.78 -10.90
C ALA B 88 -2.48 4.08 -11.25
N ILE B 89 -2.04 3.18 -10.38
CA ILE B 89 -0.80 2.44 -10.59
C ILE B 89 -0.91 1.61 -11.88
N ALA B 90 -2.03 0.93 -12.06
CA ALA B 90 -2.27 0.10 -13.25
C ALA B 90 -2.31 0.94 -14.53
N GLU B 91 -2.78 2.17 -14.42
CA GLU B 91 -2.88 3.08 -15.56
C GLU B 91 -1.65 3.97 -15.77
N ASP B 92 -0.61 3.75 -14.96
CA ASP B 92 0.63 4.53 -15.06
C ASP B 92 0.36 6.02 -14.87
N MET B 93 -0.41 6.32 -13.83
CA MET B 93 -0.77 7.69 -13.49
C MET B 93 -0.34 7.96 -12.06
N TYR B 94 -0.11 9.23 -11.72
CA TYR B 94 0.28 9.57 -10.37
C TYR B 94 -1.02 9.64 -9.59
N VAL B 95 -0.94 9.36 -8.29
CA VAL B 95 -2.12 9.43 -7.46
C VAL B 95 -1.80 10.26 -6.23
N ILE B 96 -2.53 11.36 -6.08
CA ILE B 96 -2.34 12.24 -4.95
C ILE B 96 -3.28 11.74 -3.85
N ILE B 97 -2.67 11.21 -2.76
CA ILE B 97 -3.44 10.71 -1.63
C ILE B 97 -3.62 11.91 -0.70
N ASP B 98 -4.80 12.49 -0.82
CA ASP B 98 -5.21 13.66 -0.08
C ASP B 98 -6.04 13.46 1.19
N PHE B 99 -5.47 13.88 2.33
CA PHE B 99 -6.14 13.78 3.62
C PHE B 99 -6.91 15.11 3.51
N HIS B 100 -8.10 15.03 2.91
CA HIS B 100 -8.98 16.17 2.68
C HIS B 100 -9.60 16.73 3.95
N SER B 101 -8.78 17.53 4.64
CA SER B 101 -9.16 18.14 5.89
C SER B 101 -8.93 19.64 6.05
N HIS B 102 -9.69 20.23 6.97
CA HIS B 102 -9.58 21.66 7.29
C HIS B 102 -9.24 21.71 8.79
N GLU B 103 -8.88 20.56 9.37
CA GLU B 103 -8.56 20.51 10.80
C GLU B 103 -7.60 19.38 11.18
N ALA B 104 -6.70 19.04 10.27
CA ALA B 104 -5.74 17.95 10.53
C ALA B 104 -4.89 18.13 11.79
N HIS B 105 -4.47 19.35 12.07
CA HIS B 105 -3.64 19.64 13.25
C HIS B 105 -4.36 19.45 14.59
N THR B 106 -5.68 19.39 14.57
CA THR B 106 -6.46 19.21 15.79
C THR B 106 -7.00 17.78 15.92
N ASP B 107 -6.64 16.92 14.97
CA ASP B 107 -7.05 15.51 14.98
C ASP B 107 -5.83 14.75 14.46
N GLN B 108 -4.68 15.06 15.05
CA GLN B 108 -3.42 14.45 14.67
C GLN B 108 -3.32 12.93 14.72
N ALA B 109 -3.84 12.32 15.77
CA ALA B 109 -3.79 10.86 15.90
C ALA B 109 -4.44 10.18 14.70
N THR B 110 -5.53 10.75 14.21
CA THR B 110 -6.25 10.20 13.06
C THR B 110 -5.39 10.40 11.81
N ALA B 111 -4.76 11.57 11.70
CA ALA B 111 -3.91 11.88 10.54
C ALA B 111 -2.73 10.92 10.48
N VAL B 112 -2.13 10.65 11.64
CA VAL B 112 -0.99 9.74 11.72
C VAL B 112 -1.45 8.33 11.34
N ARG B 113 -2.63 7.94 11.81
CA ARG B 113 -3.16 6.61 11.49
C ARG B 113 -3.31 6.51 9.97
N PHE B 114 -3.96 7.52 9.38
CA PHE B 114 -4.17 7.56 7.94
C PHE B 114 -2.85 7.46 7.18
N PHE B 115 -1.89 8.33 7.51
CA PHE B 115 -0.62 8.29 6.81
C PHE B 115 0.30 7.09 7.02
N GLU B 116 0.25 6.49 8.19
CA GLU B 116 1.09 5.32 8.41
C GLU B 116 0.47 4.19 7.60
N ASP B 117 -0.85 4.22 7.50
CA ASP B 117 -1.56 3.20 6.74
C ASP B 117 -1.28 3.30 5.26
N VAL B 118 -1.43 4.49 4.67
CA VAL B 118 -1.17 4.62 3.24
C VAL B 118 0.31 4.40 2.87
N ALA B 119 1.23 4.83 3.73
CA ALA B 119 2.66 4.64 3.47
C ALA B 119 2.98 3.15 3.46
N THR B 120 2.37 2.41 4.38
CA THR B 120 2.59 0.97 4.47
C THR B 120 2.03 0.24 3.25
N LYS B 121 0.80 0.55 2.88
CA LYS B 121 0.18 -0.09 1.74
C LYS B 121 0.57 0.33 0.34
N TYR B 122 0.85 1.62 0.15
CA TYR B 122 1.22 2.13 -1.18
C TYR B 122 2.55 2.84 -1.35
N GLY B 123 3.27 3.02 -0.26
CA GLY B 123 4.55 3.71 -0.33
C GLY B 123 5.59 3.23 -1.34
N GLN B 124 5.60 1.94 -1.64
CA GLN B 124 6.59 1.43 -2.59
C GLN B 124 6.43 1.93 -4.03
N TYR B 125 5.27 2.49 -4.35
CA TYR B 125 5.02 2.99 -5.70
C TYR B 125 5.40 4.44 -5.90
N ASP B 126 6.13 4.69 -6.98
CA ASP B 126 6.57 6.05 -7.32
C ASP B 126 5.39 6.93 -7.73
N ASN B 127 4.25 6.29 -7.99
CA ASN B 127 3.02 7.00 -8.40
C ASN B 127 2.41 7.78 -7.25
N VAL B 128 2.68 7.33 -6.04
CA VAL B 128 2.16 7.93 -4.82
C VAL B 128 2.72 9.24 -4.29
N ILE B 129 1.83 10.22 -4.18
CA ILE B 129 2.17 11.57 -3.68
C ILE B 129 1.31 11.76 -2.43
N TYR B 130 1.93 12.20 -1.35
CA TYR B 130 1.21 12.41 -0.09
C TYR B 130 0.83 13.88 0.11
N GLU B 131 -0.47 14.15 0.29
CA GLU B 131 -0.98 15.50 0.51
C GLU B 131 -1.53 15.38 1.93
N ILE B 132 -0.71 15.77 2.89
CA ILE B 132 -1.07 15.68 4.31
C ILE B 132 -2.05 16.61 5.00
N TYR B 133 -2.46 17.69 4.34
CA TYR B 133 -3.39 18.62 4.96
C TYR B 133 -3.98 19.50 3.87
N ASN B 134 -5.07 19.03 3.27
CA ASN B 134 -5.75 19.73 2.20
C ASN B 134 -5.80 21.24 2.29
N GLU B 135 -6.64 21.71 3.20
CA GLU B 135 -6.80 23.14 3.38
C GLU B 135 -6.86 23.68 4.79
N PRO B 136 -5.71 24.10 5.32
CA PRO B 136 -5.67 24.66 6.67
C PRO B 136 -6.50 25.96 6.57
N LEU B 137 -7.12 26.39 7.66
CA LEU B 137 -7.90 27.62 7.60
C LEU B 137 -6.99 28.81 7.93
N GLN B 138 -7.50 29.84 8.60
CA GLN B 138 -6.67 31.00 8.93
C GLN B 138 -5.88 30.75 10.21
N ILE B 139 -4.95 29.79 10.10
CA ILE B 139 -4.10 29.41 11.20
C ILE B 139 -2.65 29.75 10.99
N SER B 140 -1.84 29.49 12.01
CA SER B 140 -0.42 29.77 11.95
C SER B 140 0.42 28.74 11.21
N TRP B 141 1.21 29.22 10.25
CA TRP B 141 2.08 28.35 9.48
C TRP B 141 3.14 27.79 10.42
N VAL B 142 3.89 28.70 11.06
CA VAL B 142 4.94 28.30 11.97
C VAL B 142 4.52 27.52 13.21
N ASN B 143 3.42 27.92 13.84
CA ASN B 143 2.94 27.25 15.05
C ASN B 143 1.89 26.15 14.93
N ASP B 144 1.12 26.12 13.84
CA ASP B 144 0.10 25.08 13.71
C ASP B 144 0.39 24.07 12.60
N ILE B 145 0.57 24.56 11.38
CA ILE B 145 0.83 23.68 10.25
C ILE B 145 2.21 23.04 10.21
N LYS B 146 3.24 23.85 10.37
CA LYS B 146 4.60 23.33 10.34
C LYS B 146 4.90 22.21 11.35
N PRO B 147 4.51 22.36 12.63
CA PRO B 147 4.78 21.29 13.60
C PRO B 147 4.04 20.01 13.22
N TYR B 148 2.80 20.16 12.78
CA TYR B 148 1.99 19.02 12.39
C TYR B 148 2.65 18.32 11.17
N ALA B 149 3.08 19.12 10.20
CA ALA B 149 3.72 18.61 8.99
C ALA B 149 4.99 17.82 9.31
N GLU B 150 5.84 18.39 10.16
CA GLU B 150 7.08 17.72 10.54
C GLU B 150 6.78 16.37 11.17
N THR B 151 5.79 16.34 12.05
CA THR B 151 5.39 15.11 12.73
C THR B 151 4.90 14.06 11.73
N VAL B 152 4.00 14.45 10.84
CA VAL B 152 3.46 13.52 9.84
C VAL B 152 4.50 13.09 8.82
N ILE B 153 5.33 14.01 8.34
CA ILE B 153 6.37 13.67 7.37
C ILE B 153 7.29 12.60 7.96
N ASP B 154 7.67 12.77 9.22
CA ASP B 154 8.55 11.81 9.90
C ASP B 154 7.89 10.45 10.10
N LYS B 155 6.60 10.45 10.42
CA LYS B 155 5.86 9.21 10.64
C LYS B 155 5.78 8.45 9.30
N ILE B 156 5.56 9.20 8.20
CA ILE B 156 5.48 8.58 6.87
C ILE B 156 6.82 8.00 6.47
N ARG B 157 7.87 8.79 6.65
CA ARG B 157 9.21 8.36 6.29
C ARG B 157 9.88 7.23 7.04
N ALA B 158 9.31 6.86 8.18
CA ALA B 158 9.86 5.76 8.97
C ALA B 158 9.41 4.47 8.26
N ILE B 159 8.41 4.61 7.39
CA ILE B 159 7.86 3.49 6.62
C ILE B 159 8.25 3.56 5.15
N ASP B 160 8.05 4.76 4.56
CA ASP B 160 8.35 5.02 3.17
C ASP B 160 9.24 6.26 3.10
N PRO B 161 10.56 6.08 3.08
CA PRO B 161 11.48 7.23 3.02
C PRO B 161 11.52 8.06 1.73
N ASP B 162 11.18 7.45 0.60
CA ASP B 162 11.19 8.12 -0.70
C ASP B 162 9.84 8.57 -1.18
N ASN B 163 9.67 9.87 -1.34
CA ASN B 163 8.39 10.37 -1.80
C ASN B 163 8.34 11.87 -1.83
N LEU B 164 7.33 12.37 -2.51
CA LEU B 164 7.10 13.79 -2.63
C LEU B 164 5.93 13.97 -1.67
N ILE B 165 6.05 14.95 -0.78
CA ILE B 165 4.99 15.24 0.17
C ILE B 165 4.60 16.70 -0.04
N VAL B 166 3.30 16.94 -0.25
CA VAL B 166 2.81 18.30 -0.47
C VAL B 166 2.11 18.75 0.80
N VAL B 167 2.54 19.89 1.32
CA VAL B 167 1.98 20.45 2.56
C VAL B 167 1.07 21.66 2.39
N GLY B 168 -0.11 21.56 3.00
CA GLY B 168 -1.10 22.64 2.93
C GLY B 168 -0.59 23.94 3.54
N THR B 169 -1.10 25.05 3.03
CA THR B 169 -0.69 26.35 3.51
C THR B 169 -1.88 27.12 4.11
N PRO B 170 -1.61 28.15 4.92
CA PRO B 170 -2.68 28.94 5.55
C PRO B 170 -3.70 29.56 4.61
N THR B 171 -4.89 29.79 5.17
CA THR B 171 -6.01 30.40 4.45
C THR B 171 -6.40 29.61 3.18
N TRP B 172 -6.91 28.41 3.38
CA TRP B 172 -7.32 27.53 2.29
C TRP B 172 -6.22 27.35 1.26
N SER B 173 -5.00 27.14 1.74
CA SER B 173 -3.83 26.94 0.87
C SER B 173 -3.55 28.05 -0.14
N GLN B 174 -3.69 29.29 0.31
CA GLN B 174 -3.44 30.45 -0.53
C GLN B 174 -2.12 31.12 -0.11
N ASP B 175 -1.84 31.06 1.18
CA ASP B 175 -0.63 31.67 1.72
C ASP B 175 0.71 30.94 1.52
N VAL B 176 1.01 30.61 0.27
CA VAL B 176 2.25 29.92 -0.04
C VAL B 176 3.41 30.87 0.24
N ASP B 177 3.12 32.17 0.16
CA ASP B 177 4.14 33.18 0.41
C ASP B 177 4.56 33.15 1.88
N VAL B 178 3.59 33.02 2.78
CA VAL B 178 3.87 32.96 4.21
C VAL B 178 4.68 31.70 4.50
N ALA B 179 4.25 30.57 3.91
CA ALA B 179 4.97 29.32 4.12
C ALA B 179 6.41 29.42 3.61
N SER B 180 6.60 30.13 2.50
CA SER B 180 7.93 30.31 1.91
C SER B 180 8.92 31.05 2.78
N GLN B 181 8.42 31.81 3.75
CA GLN B 181 9.30 32.56 4.64
C GLN B 181 9.96 31.66 5.69
N ASN B 182 9.38 30.50 5.93
CA ASN B 182 9.92 29.54 6.91
C ASN B 182 9.64 28.13 6.40
N PRO B 183 10.36 27.68 5.35
CA PRO B 183 10.16 26.34 4.80
C PRO B 183 10.47 25.19 5.75
N ILE B 184 9.92 24.02 5.43
CA ILE B 184 10.11 22.81 6.22
C ILE B 184 11.44 22.19 5.77
N ASP B 185 12.26 21.85 6.75
CA ASP B 185 13.56 21.25 6.48
C ASP B 185 13.54 19.74 6.39
N ARG B 186 13.07 19.25 5.25
CA ARG B 186 12.97 17.82 4.96
C ARG B 186 13.16 17.73 3.45
N ALA B 187 13.58 16.57 2.97
CA ALA B 187 13.77 16.42 1.53
C ALA B 187 12.44 16.29 0.80
N ASN B 188 12.45 16.66 -0.47
CA ASN B 188 11.28 16.57 -1.33
C ASN B 188 9.93 17.02 -0.80
N ILE B 189 9.86 18.26 -0.32
CA ILE B 189 8.61 18.78 0.20
C ILE B 189 8.14 19.89 -0.75
N ALA B 190 6.88 19.85 -1.15
CA ALA B 190 6.30 20.86 -2.03
C ALA B 190 5.20 21.50 -1.20
N TYR B 191 4.69 22.66 -1.64
CA TYR B 191 3.66 23.34 -0.89
C TYR B 191 2.40 23.55 -1.71
N THR B 192 1.25 23.35 -1.05
CA THR B 192 -0.06 23.50 -1.68
C THR B 192 -0.53 24.90 -2.04
N LEU B 193 -1.01 25.03 -3.28
CA LEU B 193 -1.52 26.29 -3.79
C LEU B 193 -2.91 25.97 -4.38
N HIS B 194 -3.95 26.58 -3.81
CA HIS B 194 -5.32 26.37 -4.28
C HIS B 194 -5.92 27.70 -4.71
N PHE B 195 -6.72 27.68 -5.76
CA PHE B 195 -7.36 28.91 -6.26
C PHE B 195 -8.59 28.54 -7.08
N TYR B 196 -9.50 29.51 -7.20
CA TYR B 196 -10.73 29.37 -7.97
C TYR B 196 -10.76 30.63 -8.84
N ALA B 197 -10.61 30.41 -10.14
CA ALA B 197 -10.58 31.48 -11.13
C ALA B 197 -11.62 32.59 -11.06
N GLY B 198 -12.82 32.28 -10.59
CA GLY B 198 -13.84 33.32 -10.50
C GLY B 198 -13.72 34.22 -9.28
N THR B 199 -12.81 33.89 -8.37
CA THR B 199 -12.61 34.66 -7.14
C THR B 199 -11.19 35.16 -6.90
N HIS B 200 -10.22 34.31 -7.23
CA HIS B 200 -8.81 34.62 -7.04
C HIS B 200 -8.05 35.07 -8.29
N GLY B 201 -7.71 36.36 -8.31
CA GLY B 201 -7.00 36.93 -9.43
C GLY B 201 -5.50 37.13 -9.29
N GLN B 202 -4.98 38.15 -9.98
CA GLN B 202 -3.55 38.46 -9.96
C GLN B 202 -2.87 38.56 -8.61
N SER B 203 -3.54 39.14 -7.63
N SER B 203 -3.52 39.16 -7.63
CA SER B 203 -2.98 39.28 -6.29
CA SER B 203 -2.92 39.28 -6.30
C SER B 203 -2.66 37.94 -5.65
C SER B 203 -2.61 37.91 -5.69
N TYR B 204 -3.43 36.91 -6.03
CA TYR B 204 -3.21 35.57 -5.50
C TYR B 204 -2.05 34.92 -6.24
N ARG B 205 -1.90 35.26 -7.52
CA ARG B 205 -0.80 34.72 -8.30
C ARG B 205 0.47 35.41 -7.80
N ASN B 206 0.35 36.66 -7.36
CA ASN B 206 1.52 37.39 -6.87
C ASN B 206 2.09 36.70 -5.63
N LYS B 207 1.21 36.17 -4.80
CA LYS B 207 1.62 35.47 -3.58
C LYS B 207 2.38 34.20 -3.96
N ALA B 208 1.92 33.55 -5.04
CA ALA B 208 2.57 32.32 -5.51
C ALA B 208 3.94 32.66 -6.11
N GLN B 209 4.03 33.80 -6.79
CA GLN B 209 5.31 34.21 -7.38
C GLN B 209 6.30 34.47 -6.26
N THR B 210 5.84 35.05 -5.16
CA THR B 210 6.70 35.35 -4.02
C THR B 210 7.28 34.04 -3.49
N ALA B 211 6.41 33.03 -3.35
CA ALA B 211 6.85 31.73 -2.85
C ALA B 211 7.94 31.12 -3.73
N LEU B 212 7.73 31.16 -5.03
CA LEU B 212 8.71 30.62 -5.98
C LEU B 212 10.00 31.41 -5.88
N ASP B 213 9.87 32.73 -5.71
CA ASP B 213 11.04 33.60 -5.59
C ASP B 213 11.83 33.25 -4.33
N ASN B 214 11.12 32.81 -3.29
CA ASN B 214 11.76 32.44 -2.03
C ASN B 214 12.35 31.03 -2.04
N GLY B 215 12.26 30.36 -3.19
CA GLY B 215 12.80 29.03 -3.34
C GLY B 215 12.02 27.77 -3.01
N ILE B 216 10.69 27.85 -2.88
CA ILE B 216 9.92 26.65 -2.57
C ILE B 216 9.13 26.17 -3.77
N ALA B 217 8.97 24.85 -3.86
CA ALA B 217 8.23 24.23 -4.96
C ALA B 217 6.73 24.24 -4.63
N LEU B 218 5.91 24.49 -5.65
CA LEU B 218 4.47 24.54 -5.49
C LEU B 218 3.77 23.46 -6.28
N PHE B 219 2.64 22.99 -5.76
CA PHE B 219 1.84 21.96 -6.41
C PHE B 219 0.39 22.40 -6.20
N ALA B 220 -0.28 22.75 -7.29
CA ALA B 220 -1.68 23.19 -7.19
C ALA B 220 -2.59 21.97 -7.20
N THR B 221 -2.64 21.31 -6.06
CA THR B 221 -3.45 20.11 -5.88
C THR B 221 -4.93 20.29 -6.06
N GLU B 222 -5.41 21.53 -6.08
CA GLU B 222 -6.83 21.76 -6.24
C GLU B 222 -7.10 23.15 -6.76
N TRP B 223 -7.92 23.24 -7.79
CA TRP B 223 -8.22 24.56 -8.35
C TRP B 223 -9.51 24.44 -9.15
N GLY B 224 -10.22 25.55 -9.27
CA GLY B 224 -11.47 25.54 -10.00
C GLY B 224 -11.53 26.66 -11.04
N THR B 225 -12.37 26.47 -12.05
CA THR B 225 -12.54 27.48 -13.12
C THR B 225 -13.65 28.44 -12.72
N VAL B 226 -14.39 28.06 -11.69
CA VAL B 226 -15.51 28.85 -11.18
C VAL B 226 -15.21 29.59 -9.89
N ASN B 227 -16.26 29.98 -9.17
CA ASN B 227 -16.11 30.70 -7.90
C ASN B 227 -15.59 29.81 -6.77
N ALA B 228 -15.03 30.45 -5.74
CA ALA B 228 -14.47 29.77 -4.58
C ALA B 228 -15.37 28.79 -3.82
N ASP B 229 -16.68 28.93 -3.96
CA ASP B 229 -17.58 28.02 -3.27
C ASP B 229 -17.87 26.78 -4.13
N GLY B 230 -17.19 26.68 -5.27
CA GLY B 230 -17.36 25.55 -6.17
C GLY B 230 -18.54 25.68 -7.12
N ASN B 231 -19.08 26.89 -7.26
CA ASN B 231 -20.22 27.14 -8.15
C ASN B 231 -20.00 28.40 -8.99
N GLY B 232 -21.00 28.75 -9.81
CA GLY B 232 -20.90 29.94 -10.65
C GLY B 232 -20.35 29.66 -12.04
N GLY B 233 -20.25 30.71 -12.86
CA GLY B 233 -19.74 30.57 -14.22
C GLY B 233 -18.23 30.43 -14.33
N VAL B 234 -17.79 29.96 -15.51
CA VAL B 234 -16.37 29.76 -15.79
C VAL B 234 -15.67 31.06 -16.16
N ASN B 235 -14.58 31.39 -15.47
CA ASN B 235 -13.84 32.60 -15.76
C ASN B 235 -12.64 32.19 -16.61
N ILE B 236 -12.81 32.30 -17.93
CA ILE B 236 -11.76 31.93 -18.87
C ILE B 236 -10.50 32.81 -18.78
N ASN B 237 -10.67 34.12 -18.65
CA ASN B 237 -9.53 35.03 -18.55
C ASN B 237 -8.58 34.67 -17.40
N GLU B 238 -9.15 34.50 -16.20
CA GLU B 238 -8.34 34.15 -15.03
C GLU B 238 -7.82 32.72 -15.10
N THR B 239 -8.63 31.79 -15.62
CA THR B 239 -8.21 30.40 -15.73
C THR B 239 -6.98 30.33 -16.63
N ASP B 240 -7.04 31.02 -17.76
CA ASP B 240 -5.93 31.04 -18.70
C ASP B 240 -4.69 31.69 -18.12
N ALA B 241 -4.87 32.74 -17.31
CA ALA B 241 -3.75 33.44 -16.68
C ALA B 241 -3.05 32.51 -15.69
N TRP B 242 -3.86 31.77 -14.93
CA TRP B 242 -3.34 30.83 -13.95
C TRP B 242 -2.63 29.66 -14.62
N MET B 243 -3.22 29.14 -15.68
CA MET B 243 -2.61 28.02 -16.39
C MET B 243 -1.29 28.41 -17.04
N ALA B 244 -1.20 29.65 -17.52
CA ALA B 244 0.02 30.15 -18.15
C ALA B 244 1.07 30.23 -17.07
N PHE B 245 0.67 30.71 -15.90
CA PHE B 245 1.57 30.83 -14.76
C PHE B 245 2.09 29.44 -14.34
N PHE B 246 1.22 28.44 -14.36
CA PHE B 246 1.63 27.08 -13.99
C PHE B 246 2.55 26.48 -15.03
N LYS B 247 2.20 26.65 -16.30
CA LYS B 247 2.99 26.14 -17.41
C LYS B 247 4.41 26.66 -17.41
N THR B 248 4.59 27.95 -17.19
CA THR B 248 5.93 28.55 -17.18
C THR B 248 6.71 28.39 -15.88
N ASN B 249 6.18 27.59 -14.95
CA ASN B 249 6.84 27.34 -13.66
C ASN B 249 6.82 25.87 -13.31
N ASN B 250 6.40 25.04 -14.27
CA ASN B 250 6.31 23.59 -14.11
C ASN B 250 5.50 23.17 -12.90
N ILE B 251 4.39 23.88 -12.68
CA ILE B 251 3.52 23.58 -11.54
C ILE B 251 2.42 22.61 -12.00
N SER B 252 2.37 21.45 -11.35
CA SER B 252 1.38 20.42 -11.66
C SER B 252 0.07 20.82 -10.98
N HIS B 253 -1.04 20.30 -11.47
CA HIS B 253 -2.32 20.65 -10.87
C HIS B 253 -3.43 19.63 -11.05
N ALA B 254 -4.43 19.71 -10.17
CA ALA B 254 -5.60 18.81 -10.18
C ALA B 254 -6.83 19.71 -10.09
N ASN B 255 -7.72 19.57 -11.06
CA ASN B 255 -8.95 20.37 -11.09
C ASN B 255 -10.09 19.79 -10.26
N TRP B 256 -10.82 20.68 -9.60
CA TRP B 256 -11.97 20.31 -8.78
C TRP B 256 -13.21 20.58 -9.64
N ALA B 257 -14.06 19.59 -9.91
CA ALA B 257 -13.90 18.21 -9.42
C ALA B 257 -14.57 17.22 -10.35
N LEU B 258 -14.03 16.00 -10.37
CA LEU B 258 -14.56 14.92 -11.20
C LEU B 258 -15.72 14.49 -10.31
N ASN B 259 -16.91 14.96 -10.68
CA ASN B 259 -18.14 14.69 -9.94
C ASN B 259 -19.31 15.17 -10.80
N ASP B 260 -20.53 14.95 -10.33
CA ASP B 260 -21.72 15.38 -11.05
C ASP B 260 -22.69 16.13 -10.15
N LYS B 261 -22.19 16.65 -9.03
CA LYS B 261 -23.05 17.39 -8.11
C LYS B 261 -23.56 18.62 -8.87
N ASN B 262 -24.74 19.10 -8.49
CA ASN B 262 -25.33 20.26 -9.13
C ASN B 262 -24.64 21.57 -8.71
N GLU B 263 -23.41 21.73 -9.17
CA GLU B 263 -22.58 22.91 -8.89
C GLU B 263 -21.64 23.07 -10.09
N GLY B 264 -21.27 24.32 -10.38
CA GLY B 264 -20.39 24.60 -11.50
C GLY B 264 -19.04 23.91 -11.59
N ALA B 265 -18.42 23.61 -10.45
CA ALA B 265 -17.12 22.95 -10.44
C ALA B 265 -17.14 21.52 -10.96
N SER B 266 -18.31 20.88 -10.93
CA SER B 266 -18.42 19.49 -11.41
C SER B 266 -18.05 19.35 -12.88
N LEU B 267 -17.26 18.34 -13.22
CA LEU B 267 -16.87 18.11 -14.61
C LEU B 267 -18.10 17.70 -15.42
N PHE B 268 -18.98 16.94 -14.79
CA PHE B 268 -20.21 16.44 -15.43
C PHE B 268 -21.52 17.10 -15.00
N THR B 269 -22.47 17.15 -15.92
CA THR B 269 -23.79 17.72 -15.62
C THR B 269 -24.41 16.69 -14.68
N PRO B 270 -25.40 17.07 -13.86
CA PRO B 270 -26.03 16.13 -12.92
C PRO B 270 -26.54 14.85 -13.57
N GLY B 271 -26.02 13.72 -13.08
CA GLY B 271 -26.38 12.41 -13.60
C GLY B 271 -25.68 12.12 -14.91
N GLY B 272 -24.79 13.02 -15.32
CA GLY B 272 -24.06 12.83 -16.56
C GLY B 272 -22.70 12.18 -16.39
N SER B 273 -21.98 12.08 -17.51
CA SER B 273 -20.66 11.48 -17.54
C SER B 273 -19.74 12.20 -18.52
N TRP B 274 -18.71 11.49 -19.00
CA TRP B 274 -17.73 12.03 -19.94
C TRP B 274 -18.28 12.62 -21.23
N ASN B 275 -19.49 12.21 -21.61
CA ASN B 275 -20.14 12.71 -22.82
C ASN B 275 -21.02 13.93 -22.54
N SER B 276 -21.21 14.27 -21.28
CA SER B 276 -22.04 15.42 -20.91
C SER B 276 -21.31 16.31 -19.92
N LEU B 277 -20.29 17.01 -20.42
CA LEU B 277 -19.52 17.91 -19.57
C LEU B 277 -20.18 19.26 -19.34
N THR B 278 -19.84 19.86 -18.21
CA THR B 278 -20.37 21.16 -17.85
C THR B 278 -19.45 22.15 -18.54
N SER B 279 -19.71 23.44 -18.39
CA SER B 279 -18.86 24.44 -19.03
C SER B 279 -17.45 24.30 -18.42
N SER B 280 -17.39 24.02 -17.12
CA SER B 280 -16.12 23.85 -16.45
C SER B 280 -15.42 22.62 -17.01
N GLY B 281 -16.15 21.51 -17.12
CA GLY B 281 -15.58 20.28 -17.65
C GLY B 281 -15.04 20.43 -19.06
N SER B 282 -15.76 21.19 -19.89
CA SER B 282 -15.34 21.40 -21.27
C SER B 282 -14.00 22.13 -21.32
N LYS B 283 -13.83 23.13 -20.46
CA LYS B 283 -12.59 23.91 -20.42
C LYS B 283 -11.44 23.06 -19.87
N VAL B 284 -11.73 22.34 -18.78
CA VAL B 284 -10.75 21.47 -18.12
C VAL B 284 -10.25 20.37 -19.06
N LYS B 285 -11.15 19.85 -19.88
CA LYS B 285 -10.81 18.80 -20.83
C LYS B 285 -9.71 19.29 -21.77
N GLU B 286 -9.88 20.49 -22.30
CA GLU B 286 -8.89 21.08 -23.21
C GLU B 286 -7.56 21.38 -22.53
N ILE B 287 -7.62 21.85 -21.29
CA ILE B 287 -6.41 22.17 -20.55
C ILE B 287 -5.59 20.91 -20.30
N ILE B 288 -6.26 19.86 -19.84
CA ILE B 288 -5.58 18.59 -19.55
C ILE B 288 -5.07 17.92 -20.82
N GLN B 289 -5.88 17.91 -21.88
CA GLN B 289 -5.47 17.28 -23.13
C GLN B 289 -4.28 18.03 -23.74
N GLY B 290 -4.25 19.35 -23.56
CA GLY B 290 -3.16 20.15 -24.08
C GLY B 290 -1.93 20.27 -23.19
N TRP B 291 -1.98 19.69 -22.00
CA TRP B 291 -0.83 19.78 -21.09
C TRP B 291 0.39 18.97 -21.54
#